data_9DO4
#
_entry.id   9DO4
#
_cell.length_a   104.197
_cell.length_b   40.114
_cell.length_c   107.032
_cell.angle_alpha   90.00
_cell.angle_beta   116.37
_cell.angle_gamma   90.00
#
_symmetry.space_group_name_H-M   'C 1 2 1'
#
loop_
_entity.id
_entity.type
_entity.pdbx_description
1 polymer 'RNA ligase 1'
2 non-polymer 'MAGNESIUM ION'
3 non-polymer "ADENOSINE-5'-TRIPHOSPHATE"
4 water water
#
_entity_poly.entity_id   1
_entity_poly.type   'polypeptide(L)'
_entity_poly.pdbx_seq_one_letter_code
;MGHHHHHHHHHHSSGHIEGRHMQELFNNLMELCKDSQRKFFYSDDVSASGRTYRIFSYNYASYSDWLLPDALECRGIMFE
MDGEKPVRIASRPMEKFFNLNENPFTMNIDLNDVDYILTKEDGSLVSTYLDGDEILFKSKGSIKSEQALMANGILMNINH
HRLRDRLKELAEDGFTANFEFVAPTNRIVLAYQEMKIILLNVRENETGEYISYDDIYKDATLRPYLVERYEIDSPKWIEE
AKNAENIEGYVAVMKDGSHFKIKSDWYVSLHSTKSSLDNPEKLFKTIIDGASDDLKAMYADDEYSYRKIEAFETTYLKYL
DRALFLVLDCHNKHCGKDRKTYAMEAQGVAKGAGMDHLFGIIMSLYQGYDSQEKVMCEIEQNFLKNYKKFIPEGY
;
_entity_poly.pdbx_strand_id   B
#
# COMPACT_ATOMS: atom_id res chain seq x y z
N HIS A 21 3.15 -14.46 19.17
CA HIS A 21 4.34 -14.86 18.44
C HIS A 21 4.10 -14.80 16.93
N MET A 22 5.11 -15.19 16.17
CA MET A 22 5.06 -15.06 14.71
C MET A 22 4.02 -16.00 14.10
N GLN A 23 3.99 -17.25 14.56
CA GLN A 23 3.04 -18.20 13.98
C GLN A 23 1.62 -17.68 14.11
N GLU A 24 1.29 -17.08 15.26
CA GLU A 24 -0.02 -16.48 15.42
C GLU A 24 -0.26 -15.43 14.35
N LEU A 25 0.75 -14.58 14.10
CA LEU A 25 0.59 -13.48 13.16
C LEU A 25 0.47 -13.99 11.72
N PHE A 26 1.29 -15.00 11.36
CA PHE A 26 1.22 -15.57 10.02
C PHE A 26 -0.17 -16.15 9.75
N ASN A 27 -0.79 -16.74 10.77
CA ASN A 27 -2.12 -17.32 10.61
C ASN A 27 -3.16 -16.24 10.35
N ASN A 28 -3.18 -15.20 11.19
CA ASN A 28 -4.15 -14.14 11.00
C ASN A 28 -4.08 -13.58 9.58
N LEU A 29 -2.90 -13.54 8.99
CA LEU A 29 -2.75 -13.01 7.65
C LEU A 29 -3.25 -13.99 6.61
N MET A 30 -2.92 -15.27 6.78
CA MET A 30 -3.45 -16.32 5.90
C MET A 30 -4.98 -16.28 5.85
N GLU A 31 -5.61 -16.09 7.01
CA GLU A 31 -7.07 -15.96 7.07
C GLU A 31 -7.56 -14.89 6.11
N LEU A 32 -6.92 -13.71 6.12
CA LEU A 32 -7.41 -12.60 5.31
C LEU A 32 -7.37 -12.92 3.82
N CYS A 33 -6.37 -13.68 3.39
CA CYS A 33 -6.19 -13.99 1.99
C CYS A 33 -7.13 -15.07 1.50
N LYS A 34 -8.02 -15.56 2.36
CA LYS A 34 -9.06 -16.49 1.96
C LYS A 34 -10.41 -15.82 1.82
N ASP A 35 -10.60 -14.68 2.49
CA ASP A 35 -11.88 -13.98 2.51
C ASP A 35 -12.29 -13.51 1.11
N SER A 36 -11.39 -12.86 0.40
CA SER A 36 -11.63 -12.46 -0.98
C SER A 36 -10.29 -12.19 -1.65
N GLN A 37 -10.28 -12.36 -2.97
CA GLN A 37 -9.03 -12.28 -3.74
C GLN A 37 -8.59 -10.86 -4.06
N ARG A 38 -9.48 -9.88 -3.94
CA ARG A 38 -9.11 -8.48 -4.09
C ARG A 38 -9.10 -7.74 -2.78
N LYS A 39 -9.26 -8.46 -1.66
CA LYS A 39 -9.12 -7.81 -0.36
C LYS A 39 -7.66 -8.05 -0.01
N PHE A 40 -7.34 -9.27 0.37
CA PHE A 40 -5.99 -9.58 0.78
C PHE A 40 -5.51 -10.78 -0.01
N PHE A 41 -4.22 -10.78 -0.32
CA PHE A 41 -3.62 -11.85 -1.10
C PHE A 41 -2.19 -12.05 -0.63
N TYR A 42 -1.57 -13.09 -1.17
CA TYR A 42 -0.15 -13.28 -0.99
C TYR A 42 0.46 -13.74 -2.31
N SER A 43 1.77 -13.94 -2.29
CA SER A 43 2.49 -14.38 -3.48
C SER A 43 3.85 -14.89 -3.03
N ASP A 44 4.29 -16.03 -3.57
CA ASP A 44 5.58 -16.59 -3.22
C ASP A 44 6.58 -16.32 -4.32
N ASP A 45 7.79 -15.95 -3.93
CA ASP A 45 8.90 -15.81 -4.85
C ASP A 45 10.04 -16.66 -4.34
N VAL A 46 11.06 -16.84 -5.18
CA VAL A 46 12.28 -17.50 -4.75
C VAL A 46 13.40 -16.51 -4.98
N SER A 47 14.41 -16.58 -4.12
CA SER A 47 15.57 -15.69 -4.13
C SER A 47 16.75 -16.33 -4.85
N ALA A 48 17.78 -15.51 -5.06
CA ALA A 48 19.01 -15.97 -5.69
C ALA A 48 19.69 -17.08 -4.88
N SER A 49 19.68 -16.97 -3.55
CA SER A 49 20.22 -18.06 -2.76
C SER A 49 19.37 -19.31 -2.86
N GLY A 50 18.17 -19.19 -3.41
CA GLY A 50 17.25 -20.29 -3.51
C GLY A 50 16.23 -20.37 -2.40
N ARG A 51 16.23 -19.44 -1.46
CA ARG A 51 15.27 -19.50 -0.37
C ARG A 51 13.88 -19.07 -0.86
N THR A 52 12.86 -19.44 -0.07
CA THR A 52 11.47 -19.20 -0.43
C THR A 52 10.85 -18.18 0.52
N TYR A 53 10.18 -17.18 -0.06
CA TYR A 53 9.57 -16.11 0.71
C TYR A 53 8.12 -15.99 0.32
N ARG A 54 7.31 -15.48 1.26
CA ARG A 54 5.90 -15.23 1.02
C ARG A 54 5.56 -13.83 1.49
N ILE A 55 4.95 -13.05 0.61
CA ILE A 55 4.66 -11.64 0.86
C ILE A 55 3.14 -11.48 0.96
N PHE A 56 2.68 -10.93 2.08
CA PHE A 56 1.27 -10.62 2.26
C PHE A 56 1.03 -9.15 1.92
N SER A 57 0.19 -8.91 0.92
CA SER A 57 -0.11 -7.53 0.56
C SER A 57 -1.62 -7.33 0.42
N TYR A 58 -2.04 -6.22 -0.22
CA TYR A 58 -3.46 -5.99 -0.42
C TYR A 58 -3.68 -5.18 -1.70
N ASN A 59 -4.88 -5.30 -2.27
CA ASN A 59 -5.25 -4.51 -3.44
C ASN A 59 -6.33 -3.47 -3.17
N TYR A 60 -7.45 -3.87 -2.59
CA TYR A 60 -8.47 -2.91 -2.19
C TYR A 60 -9.06 -3.36 -0.87
N ALA A 61 -9.57 -2.42 -0.08
CA ALA A 61 -10.06 -2.74 1.26
C ALA A 61 -10.72 -1.55 1.93
N SER A 62 -11.87 -1.76 2.54
CA SER A 62 -12.60 -0.70 3.20
C SER A 62 -12.32 -0.74 4.70
N TYR A 63 -12.86 0.25 5.42
CA TYR A 63 -12.47 0.48 6.80
C TYR A 63 -12.69 -0.77 7.63
N SER A 64 -13.80 -1.48 7.39
CA SER A 64 -14.11 -2.69 8.14
C SER A 64 -13.11 -3.80 7.87
N ASP A 65 -12.70 -3.99 6.61
CA ASP A 65 -11.60 -4.91 6.33
C ASP A 65 -10.43 -4.67 7.28
N TRP A 66 -10.05 -3.41 7.47
CA TRP A 66 -8.95 -3.09 8.35
C TRP A 66 -9.26 -3.39 9.81
N LEU A 67 -10.50 -3.73 10.15
CA LEU A 67 -10.78 -4.12 11.52
C LEU A 67 -10.53 -5.60 11.77
N LEU A 68 -10.37 -6.39 10.70
CA LEU A 68 -10.05 -7.80 10.86
C LEU A 68 -8.69 -7.95 11.52
N PRO A 69 -8.45 -9.06 12.22
CA PRO A 69 -7.22 -9.21 13.02
C PRO A 69 -5.95 -9.10 12.18
N ASP A 70 -5.06 -8.20 12.57
CA ASP A 70 -3.76 -8.00 11.93
C ASP A 70 -3.90 -7.66 10.46
N ALA A 71 -5.06 -7.16 10.07
CA ALA A 71 -5.22 -6.73 8.68
C ALA A 71 -4.36 -5.52 8.39
N LEU A 72 -4.06 -4.73 9.43
CA LEU A 72 -3.27 -3.52 9.25
C LEU A 72 -1.80 -3.80 9.03
N GLU A 73 -1.36 -5.04 9.24
CA GLU A 73 0.01 -5.46 8.97
C GLU A 73 0.10 -6.21 7.65
N CYS A 74 -0.98 -6.29 6.88
CA CYS A 74 -0.95 -6.97 5.59
C CYS A 74 -0.67 -5.98 4.46
N ARG A 75 0.52 -5.35 4.53
CA ARG A 75 0.95 -4.43 3.50
C ARG A 75 2.44 -4.81 3.42
N GLY A 76 2.76 -5.79 2.58
CA GLY A 76 4.15 -6.16 2.39
C GLY A 76 5.02 -6.88 3.38
N ILE A 77 4.51 -7.17 4.59
CA ILE A 77 5.22 -8.06 5.49
C ILE A 77 5.55 -9.36 4.72
N MET A 78 6.73 -9.93 5.01
CA MET A 78 7.25 -11.05 4.24
C MET A 78 7.83 -12.10 5.18
N PHE A 79 7.48 -13.37 4.92
CA PHE A 79 7.88 -14.52 5.75
C PHE A 79 8.79 -15.41 4.94
N GLU A 80 9.93 -15.80 5.50
CA GLU A 80 10.63 -16.93 4.90
C GLU A 80 9.85 -18.19 5.20
N MET A 81 9.64 -19.02 4.18
CA MET A 81 8.78 -20.17 4.28
C MET A 81 9.59 -21.46 4.33
N ASP A 82 8.92 -22.51 4.80
CA ASP A 82 9.43 -23.89 4.71
C ASP A 82 8.23 -24.74 4.35
N GLY A 83 8.03 -24.95 3.06
CA GLY A 83 6.76 -25.49 2.62
C GLY A 83 5.69 -24.47 2.95
N GLU A 84 4.73 -24.86 3.78
CA GLU A 84 3.69 -23.95 4.24
C GLU A 84 3.94 -23.47 5.66
N LYS A 85 5.17 -23.56 6.14
CA LYS A 85 5.49 -23.13 7.49
C LYS A 85 6.32 -21.87 7.48
N PRO A 86 5.89 -20.81 8.15
CA PRO A 86 6.75 -19.64 8.33
C PRO A 86 7.90 -19.99 9.28
N VAL A 87 9.12 -19.64 8.88
CA VAL A 87 10.29 -19.87 9.71
C VAL A 87 10.66 -18.56 10.42
N ARG A 88 10.35 -17.43 9.81
CA ARG A 88 10.73 -16.16 10.37
C ARG A 88 10.07 -15.06 9.56
N ILE A 89 9.94 -13.90 10.18
CA ILE A 89 9.44 -12.71 9.51
C ILE A 89 10.64 -12.08 8.82
N ALA A 90 10.83 -12.33 7.52
CA ALA A 90 12.06 -11.85 6.89
C ALA A 90 12.04 -10.33 6.70
N SER A 91 10.87 -9.70 6.57
CA SER A 91 10.81 -8.26 6.35
C SER A 91 9.52 -7.69 6.92
N ARG A 92 9.65 -6.57 7.61
CA ARG A 92 8.56 -5.96 8.37
C ARG A 92 8.51 -4.50 7.93
N PRO A 93 7.69 -4.18 6.92
CA PRO A 93 7.48 -2.77 6.55
C PRO A 93 6.43 -2.19 7.46
N MET A 94 6.11 -0.90 7.32
CA MET A 94 5.15 -0.25 8.22
C MET A 94 3.74 -0.85 8.08
N GLU A 95 2.96 -0.71 9.14
CA GLU A 95 1.54 -1.00 9.07
C GLU A 95 0.89 -0.10 8.03
N LYS A 96 -0.31 -0.49 7.59
CA LYS A 96 -1.16 0.44 6.85
C LYS A 96 -1.45 1.66 7.72
N PHE A 97 -1.42 2.84 7.15
CA PHE A 97 -1.97 3.98 7.88
C PHE A 97 -2.69 4.91 6.92
N PHE A 98 -3.44 5.82 7.51
CA PHE A 98 -4.44 6.61 6.79
C PHE A 98 -4.14 8.10 6.92
N ASN A 99 -4.76 8.87 6.03
CA ASN A 99 -4.75 10.31 6.17
C ASN A 99 -5.67 10.72 7.30
N LEU A 100 -5.35 11.82 7.95
CA LEU A 100 -6.24 12.36 8.98
C LEU A 100 -7.64 12.56 8.42
N ASN A 101 -8.66 12.14 9.19
CA ASN A 101 -10.08 12.27 8.86
C ASN A 101 -10.48 11.45 7.64
N GLU A 102 -9.68 10.47 7.28
CA GLU A 102 -10.04 9.64 6.15
C GLU A 102 -11.09 8.60 6.55
N ASN A 103 -11.17 8.24 7.83
CA ASN A 103 -12.05 7.17 8.29
C ASN A 103 -12.00 7.12 9.83
N PRO A 104 -12.76 6.25 10.50
CA PRO A 104 -12.84 6.36 11.97
C PRO A 104 -11.54 6.10 12.70
N PHE A 105 -10.55 5.46 12.08
CA PHE A 105 -9.24 5.33 12.71
C PHE A 105 -8.63 6.70 13.01
N THR A 106 -8.82 7.66 12.10
CA THR A 106 -8.06 8.91 12.07
C THR A 106 -8.93 10.13 12.31
N MET A 107 -10.11 9.94 12.87
CA MET A 107 -10.99 11.03 13.27
C MET A 107 -10.91 11.09 14.79
N ASN A 108 -11.14 12.28 15.34
CA ASN A 108 -11.01 12.54 16.78
C ASN A 108 -9.60 12.24 17.30
N ILE A 109 -8.59 12.72 16.60
CA ILE A 109 -7.22 12.61 17.06
C ILE A 109 -6.99 13.75 18.04
N ASP A 110 -6.31 13.47 19.14
CA ASP A 110 -5.84 14.56 19.98
C ASP A 110 -4.53 14.98 19.34
N LEU A 111 -4.60 16.02 18.51
CA LEU A 111 -3.38 16.55 17.91
C LEU A 111 -2.33 16.88 18.95
N ASN A 112 -2.74 17.07 20.21
CA ASN A 112 -1.76 17.30 21.26
C ASN A 112 -0.92 16.07 21.56
N ASP A 113 -1.34 14.90 21.11
CA ASP A 113 -0.57 13.67 21.27
C ASP A 113 0.31 13.35 20.06
N VAL A 114 0.41 14.28 19.09
CA VAL A 114 1.44 14.16 18.06
C VAL A 114 2.79 14.39 18.74
N ASP A 115 3.69 13.42 18.62
CA ASP A 115 5.06 13.59 19.11
C ASP A 115 5.82 14.57 18.22
N TYR A 116 5.88 14.26 16.93
CA TYR A 116 6.62 15.03 15.95
C TYR A 116 6.09 14.60 14.60
N ILE A 117 6.47 15.35 13.55
CA ILE A 117 6.08 15.05 12.17
C ILE A 117 7.34 14.87 11.30
N LEU A 118 7.20 14.09 10.22
CA LEU A 118 8.28 13.74 9.31
C LEU A 118 7.94 14.12 7.87
N THR A 119 8.91 14.64 7.14
CA THR A 119 8.72 14.91 5.72
C THR A 119 8.28 13.65 5.01
N LYS A 120 7.28 13.80 4.13
CA LYS A 120 6.77 12.68 3.37
C LYS A 120 7.43 12.70 1.99
N GLU A 121 8.27 11.70 1.72
CA GLU A 121 8.97 11.65 0.46
C GLU A 121 8.14 10.92 -0.61
N ASP A 122 8.25 11.35 -1.85
CA ASP A 122 7.39 10.86 -2.90
C ASP A 122 8.27 9.90 -3.71
N GLY A 123 7.97 8.60 -3.63
CA GLY A 123 8.76 7.61 -4.29
C GLY A 123 8.16 6.22 -4.09
N SER A 124 8.99 5.22 -3.83
CA SER A 124 8.55 3.88 -3.53
C SER A 124 9.18 3.27 -2.30
N LEU A 125 8.36 2.66 -1.44
CA LEU A 125 8.89 1.91 -0.33
C LEU A 125 9.82 0.78 -0.79
N VAL A 126 10.95 0.63 -0.08
CA VAL A 126 11.80 -0.56 -0.15
C VAL A 126 12.23 -0.88 1.28
N SER A 127 12.27 -2.18 1.61
CA SER A 127 12.51 -2.67 2.96
C SER A 127 13.59 -3.74 2.94
N THR A 128 14.38 -3.79 3.99
CA THR A 128 15.50 -4.71 3.99
C THR A 128 15.03 -6.14 4.26
N TYR A 129 15.83 -7.10 3.82
CA TYR A 129 15.69 -8.45 4.30
C TYR A 129 17.03 -9.11 4.15
N LEU A 130 17.29 -10.08 5.01
CA LEU A 130 18.49 -10.89 4.92
C LEU A 130 18.16 -12.16 4.15
N ASP A 131 18.95 -12.45 3.12
CA ASP A 131 18.86 -13.66 2.29
C ASP A 131 20.20 -14.40 2.40
N GLY A 132 20.32 -15.26 3.40
CA GLY A 132 21.61 -15.85 3.70
C GLY A 132 22.57 -14.79 4.20
N ASP A 133 23.64 -14.52 3.47
CA ASP A 133 24.62 -13.52 3.85
C ASP A 133 24.46 -12.20 3.11
N GLU A 134 23.35 -12.02 2.41
CA GLU A 134 23.15 -10.87 1.55
C GLU A 134 21.99 -10.04 2.09
N ILE A 135 22.26 -8.77 2.35
CA ILE A 135 21.23 -7.83 2.78
C ILE A 135 20.62 -7.20 1.53
N LEU A 136 19.31 -7.35 1.35
CA LEU A 136 18.67 -6.93 0.11
C LEU A 136 17.39 -6.15 0.37
N PHE A 137 16.91 -5.49 -0.69
CA PHE A 137 15.68 -4.71 -0.63
C PHE A 137 14.58 -5.46 -1.36
N LYS A 138 13.34 -5.29 -0.89
CA LYS A 138 12.14 -5.71 -1.62
C LYS A 138 11.23 -4.51 -1.76
N SER A 139 10.67 -4.33 -2.95
CA SER A 139 9.60 -3.36 -3.07
C SER A 139 8.36 -3.84 -2.29
N LYS A 140 7.34 -2.97 -2.20
CA LYS A 140 6.09 -3.24 -1.47
C LYS A 140 5.57 -4.66 -1.71
N GLY A 141 5.62 -5.11 -2.96
CA GLY A 141 4.98 -6.35 -3.30
C GLY A 141 5.87 -7.46 -3.81
N SER A 142 7.16 -7.19 -4.03
CA SER A 142 8.02 -8.16 -4.67
C SER A 142 9.49 -7.97 -4.30
N ILE A 143 10.25 -9.07 -4.32
CA ILE A 143 11.69 -9.00 -4.15
C ILE A 143 12.38 -8.98 -5.52
N LYS A 144 11.59 -8.93 -6.59
CA LYS A 144 12.13 -8.89 -7.94
C LYS A 144 11.60 -7.70 -8.72
N SER A 145 10.96 -6.72 -8.06
CA SER A 145 10.51 -5.53 -8.79
C SER A 145 11.67 -4.71 -9.35
N GLU A 146 11.44 -4.02 -10.46
CA GLU A 146 12.43 -3.04 -10.87
C GLU A 146 13.02 -2.18 -9.75
N GLN A 147 12.16 -1.54 -8.96
CA GLN A 147 12.63 -0.78 -7.81
C GLN A 147 13.47 -1.63 -6.86
N ALA A 148 13.08 -2.90 -6.67
CA ALA A 148 13.82 -3.75 -5.75
C ALA A 148 15.25 -3.98 -6.23
N LEU A 149 15.42 -4.35 -7.50
CA LEU A 149 16.73 -4.68 -8.00
C LEU A 149 17.61 -3.43 -8.20
N MET A 150 16.99 -2.27 -8.40
CA MET A 150 17.76 -1.04 -8.47
C MET A 150 18.21 -0.60 -7.08
N ALA A 151 17.27 -0.60 -6.13
CA ALA A 151 17.63 -0.36 -4.75
C ALA A 151 18.75 -1.27 -4.34
N ASN A 152 18.65 -2.56 -4.67
CA ASN A 152 19.79 -3.48 -4.52
C ASN A 152 21.06 -2.92 -5.13
N GLY A 153 21.01 -2.59 -6.42
CA GLY A 153 22.17 -2.00 -7.05
C GLY A 153 22.74 -0.85 -6.23
N ILE A 154 21.86 0.05 -5.78
CA ILE A 154 22.32 1.22 -5.04
C ILE A 154 23.04 0.81 -3.77
N LEU A 155 22.47 -0.14 -3.03
CA LEU A 155 23.05 -0.54 -1.75
C LEU A 155 24.40 -1.27 -1.91
N MET A 156 24.61 -1.96 -3.03
CA MET A 156 25.86 -2.67 -3.15
C MET A 156 26.97 -1.80 -3.68
N ASN A 157 26.73 -0.52 -3.94
CA ASN A 157 27.85 0.25 -4.46
C ASN A 157 28.74 0.74 -3.31
N ILE A 158 29.90 1.28 -3.67
CA ILE A 158 30.94 1.51 -2.64
C ILE A 158 30.55 2.67 -1.73
N ASN A 159 29.72 3.58 -2.25
CA ASN A 159 29.30 4.77 -1.46
C ASN A 159 28.47 4.31 -0.26
N HIS A 160 27.73 3.21 -0.39
CA HIS A 160 26.85 2.79 0.69
C HIS A 160 27.43 1.62 1.45
N HIS A 161 28.75 1.46 1.47
CA HIS A 161 29.27 0.27 2.12
C HIS A 161 29.18 0.37 3.64
N ARG A 162 29.36 1.56 4.21
CA ARG A 162 29.13 1.71 5.65
C ARG A 162 27.65 1.43 6.02
N LEU A 163 26.71 1.97 5.25
CA LEU A 163 25.29 1.76 5.53
C LEU A 163 24.88 0.31 5.31
N ARG A 164 25.36 -0.29 4.21
CA ARG A 164 25.08 -1.70 3.95
C ARG A 164 25.53 -2.58 5.12
N ASP A 165 26.73 -2.35 5.63
CA ASP A 165 27.18 -3.14 6.78
C ASP A 165 26.30 -2.89 8.00
N ARG A 166 25.86 -1.66 8.23
CA ARG A 166 24.97 -1.38 9.37
C ARG A 166 23.58 -2.01 9.14
N LEU A 167 23.04 -1.95 7.92
CA LEU A 167 21.75 -2.62 7.73
C LEU A 167 21.89 -4.14 7.80
N LYS A 168 23.06 -4.67 7.49
CA LYS A 168 23.24 -6.10 7.57
C LYS A 168 23.28 -6.55 9.02
N GLU A 169 23.88 -5.75 9.90
CA GLU A 169 23.88 -6.14 11.29
C GLU A 169 22.51 -5.95 11.92
N LEU A 170 21.73 -4.99 11.41
CA LEU A 170 20.36 -4.79 11.88
C LEU A 170 19.48 -5.95 11.48
N ALA A 171 19.56 -6.36 10.21
CA ALA A 171 18.84 -7.54 9.77
C ALA A 171 19.16 -8.71 10.68
N GLU A 172 20.45 -8.90 10.99
CA GLU A 172 20.90 -10.07 11.74
C GLU A 172 20.37 -10.08 13.16
N ASP A 173 20.24 -8.90 13.79
CA ASP A 173 19.46 -8.80 15.00
C ASP A 173 17.96 -8.77 14.74
N GLY A 174 17.53 -8.91 13.47
CA GLY A 174 16.11 -9.02 13.18
C GLY A 174 15.36 -7.70 13.20
N PHE A 175 15.91 -6.69 12.55
CA PHE A 175 15.18 -5.46 12.32
C PHE A 175 14.97 -5.30 10.83
N THR A 176 14.03 -4.44 10.46
CA THR A 176 13.73 -4.09 9.08
C THR A 176 13.90 -2.58 8.91
N ALA A 177 14.75 -2.20 7.97
CA ALA A 177 15.02 -0.80 7.70
C ALA A 177 14.20 -0.40 6.50
N ASN A 178 13.40 0.67 6.63
CA ASN A 178 12.43 1.05 5.63
C ASN A 178 12.88 2.38 4.99
N PHE A 179 13.01 2.37 3.66
CA PHE A 179 13.48 3.49 2.86
C PHE A 179 12.46 3.89 1.79
N GLU A 180 12.43 5.18 1.48
CA GLU A 180 11.69 5.64 0.28
C GLU A 180 12.68 5.80 -0.86
N PHE A 181 12.47 5.00 -1.92
CA PHE A 181 13.30 5.05 -3.12
C PHE A 181 12.74 6.12 -4.04
N VAL A 182 13.52 7.19 -4.24
CA VAL A 182 13.15 8.29 -5.12
C VAL A 182 14.13 8.37 -6.27
N ALA A 183 13.67 9.00 -7.38
CA ALA A 183 14.38 9.09 -8.66
C ALA A 183 13.62 9.91 -9.69
N PRO A 184 14.33 10.64 -10.55
CA PRO A 184 13.66 11.27 -11.71
C PRO A 184 12.97 10.28 -12.64
N THR A 185 13.49 9.06 -12.78
CA THR A 185 12.82 8.08 -13.61
C THR A 185 11.59 7.52 -12.90
N ASN A 186 11.59 7.50 -11.57
CA ASN A 186 10.49 7.01 -10.75
C ASN A 186 9.66 8.18 -10.22
N ARG A 187 9.36 9.17 -11.06
CA ARG A 187 8.74 10.39 -10.56
C ARG A 187 7.24 10.20 -10.50
N ILE A 188 6.67 10.50 -9.33
CA ILE A 188 5.24 10.37 -9.12
C ILE A 188 4.54 11.72 -9.20
N VAL A 189 4.88 12.65 -8.29
CA VAL A 189 4.44 14.05 -8.40
C VAL A 189 5.64 14.95 -8.17
N LEU A 190 6.27 14.82 -7.00
CA LEU A 190 7.43 15.63 -6.72
C LEU A 190 8.60 15.20 -7.59
N ALA A 191 9.49 16.16 -7.87
CA ALA A 191 10.61 16.00 -8.79
C ALA A 191 11.93 15.99 -8.02
N TYR A 192 12.56 14.81 -7.95
CA TYR A 192 13.82 14.63 -7.24
C TYR A 192 14.97 14.70 -8.23
N GLN A 193 16.03 15.43 -7.88
CA GLN A 193 17.18 15.47 -8.78
C GLN A 193 17.81 14.09 -8.86
N GLU A 194 18.45 13.63 -7.79
CA GLU A 194 19.22 12.39 -7.84
C GLU A 194 18.37 11.18 -7.47
N MET A 195 18.76 10.03 -8.00
CA MET A 195 18.26 8.77 -7.48
C MET A 195 18.92 8.49 -6.13
N LYS A 196 18.12 8.09 -5.15
CA LYS A 196 18.64 7.86 -3.82
C LYS A 196 17.60 7.09 -3.00
N ILE A 197 18.04 6.64 -1.83
CA ILE A 197 17.19 6.02 -0.82
C ILE A 197 17.23 6.90 0.42
N ILE A 198 16.08 7.03 1.10
CA ILE A 198 15.95 7.88 2.28
C ILE A 198 15.39 7.03 3.42
N LEU A 199 16.09 7.02 4.55
CA LEU A 199 15.73 6.13 5.66
C LEU A 199 14.52 6.71 6.38
N LEU A 200 13.41 5.94 6.39
CA LEU A 200 12.19 6.42 7.02
C LEU A 200 12.10 5.93 8.45
N ASN A 201 12.34 4.64 8.68
CA ASN A 201 12.20 4.04 10.01
C ASN A 201 12.82 2.64 10.04
N VAL A 202 12.80 2.04 11.23
CA VAL A 202 13.40 0.74 11.49
C VAL A 202 12.47 -0.01 12.43
N ARG A 203 12.10 -1.23 12.07
CA ARG A 203 11.09 -1.97 12.82
C ARG A 203 11.61 -3.32 13.29
N GLU A 204 11.31 -3.66 14.54
CA GLU A 204 11.65 -5.00 15.04
C GLU A 204 10.75 -6.03 14.34
N ASN A 205 11.35 -7.09 13.80
CA ASN A 205 10.58 -7.91 12.85
C ASN A 205 9.44 -8.65 13.52
N GLU A 206 9.67 -9.11 14.75
CA GLU A 206 8.66 -9.88 15.45
C GLU A 206 7.62 -8.96 16.08
N THR A 207 8.05 -8.09 16.98
CA THR A 207 7.10 -7.26 17.70
C THR A 207 6.60 -6.09 16.89
N GLY A 208 7.23 -5.79 15.75
CA GLY A 208 6.88 -4.58 15.02
C GLY A 208 7.12 -3.27 15.74
N GLU A 209 7.74 -3.28 16.92
CA GLU A 209 8.13 -2.04 17.58
C GLU A 209 9.05 -1.23 16.68
N TYR A 210 8.87 0.09 16.67
CA TYR A 210 9.77 0.96 15.95
C TYR A 210 10.93 1.37 16.85
N ILE A 211 12.13 1.41 16.27
CA ILE A 211 13.23 2.11 16.91
C ILE A 211 12.89 3.59 16.99
N SER A 212 13.20 4.22 18.09
CA SER A 212 12.95 5.64 18.19
C SER A 212 13.79 6.43 17.18
N TYR A 213 13.17 7.45 16.60
CA TYR A 213 13.85 8.38 15.72
C TYR A 213 15.14 8.91 16.34
N ASP A 214 15.17 9.12 17.65
CA ASP A 214 16.39 9.69 18.23
C ASP A 214 17.54 8.68 18.23
N ASP A 215 17.26 7.39 18.30
CA ASP A 215 18.35 6.42 18.26
C ASP A 215 18.96 6.34 16.87
N ILE A 216 18.11 6.33 15.84
CA ILE A 216 18.62 6.35 14.48
C ILE A 216 19.52 7.55 14.26
N TYR A 217 19.12 8.70 14.81
CA TYR A 217 19.89 9.91 14.64
C TYR A 217 21.26 9.81 15.28
N LYS A 218 21.37 9.12 16.41
CA LYS A 218 22.66 9.03 17.10
C LYS A 218 23.70 8.27 16.28
N ASP A 219 23.28 7.36 15.40
CA ASP A 219 24.19 6.64 14.54
C ASP A 219 24.59 7.57 13.39
N ALA A 220 25.87 7.99 13.37
CA ALA A 220 26.27 9.00 12.41
C ALA A 220 26.44 8.43 11.01
N THR A 221 26.44 7.11 10.86
CA THR A 221 26.36 6.47 9.55
C THR A 221 24.95 6.51 8.99
N LEU A 222 23.95 6.40 9.85
CA LEU A 222 22.57 6.46 9.37
C LEU A 222 22.08 7.89 9.22
N ARG A 223 22.60 8.81 10.04
CA ARG A 223 22.09 10.18 10.04
C ARG A 223 22.03 10.84 8.67
N PRO A 224 23.05 10.73 7.81
CA PRO A 224 22.94 11.25 6.43
C PRO A 224 21.68 10.89 5.66
N TYR A 225 21.15 9.68 5.86
CA TYR A 225 20.06 9.18 5.02
C TYR A 225 18.69 9.47 5.60
N LEU A 226 18.61 9.89 6.85
CA LEU A 226 17.38 9.85 7.62
C LEU A 226 16.47 11.02 7.26
N VAL A 227 15.18 10.74 7.13
CA VAL A 227 14.21 11.72 6.66
C VAL A 227 14.11 12.89 7.64
N GLU A 228 13.97 14.11 7.12
CA GLU A 228 13.94 15.28 8.00
C GLU A 228 12.74 15.26 8.94
N ARG A 229 12.95 15.73 10.15
CA ARG A 229 11.98 15.76 11.23
C ARG A 229 11.72 17.20 11.68
N TYR A 230 10.50 17.46 12.11
CA TYR A 230 10.11 18.76 12.59
C TYR A 230 9.34 18.62 13.89
N GLU A 231 9.67 19.46 14.85
CA GLU A 231 8.88 19.56 16.06
C GLU A 231 7.68 20.48 15.81
N ILE A 232 6.55 20.14 16.42
CA ILE A 232 5.36 20.97 16.38
C ILE A 232 4.89 21.39 17.75
N ASP A 233 4.38 22.62 17.84
CA ASP A 233 3.80 23.14 19.07
C ASP A 233 2.34 23.57 18.98
N SER A 234 1.81 23.65 17.77
CA SER A 234 0.41 24.03 17.62
C SER A 234 -0.13 23.26 16.42
N PRO A 235 -1.40 22.88 16.45
CA PRO A 235 -1.95 22.07 15.36
C PRO A 235 -2.08 22.86 14.09
N LYS A 236 -1.62 24.12 14.12
CA LYS A 236 -1.59 24.96 12.94
C LYS A 236 -0.71 24.39 11.84
N TRP A 237 0.14 23.40 12.14
CA TRP A 237 0.99 22.81 11.10
C TRP A 237 0.15 22.06 10.07
N ILE A 238 -1.04 21.63 10.44
CA ILE A 238 -1.86 20.88 9.51
C ILE A 238 -2.47 21.80 8.46
N GLU A 239 -2.97 22.96 8.88
CA GLU A 239 -3.45 23.95 7.92
C GLU A 239 -2.32 24.41 7.01
N GLU A 240 -1.13 24.68 7.58
CA GLU A 240 0.03 25.06 6.78
C GLU A 240 0.35 23.98 5.73
N ALA A 241 0.29 22.71 6.15
CA ALA A 241 0.66 21.62 5.24
C ALA A 241 -0.41 21.41 4.21
N LYS A 242 -1.68 21.50 4.62
CA LYS A 242 -2.78 21.40 3.66
C LYS A 242 -2.63 22.48 2.58
N ASN A 243 -2.15 23.67 2.94
CA ASN A 243 -2.07 24.81 2.04
C ASN A 243 -0.70 25.04 1.44
N ALA A 244 0.17 24.05 1.47
CA ALA A 244 1.49 24.24 0.93
C ALA A 244 1.57 23.71 -0.50
N GLU A 245 2.59 24.18 -1.23
CA GLU A 245 2.91 23.74 -2.58
C GLU A 245 4.29 23.07 -2.62
N ASN A 246 4.47 22.22 -3.63
CA ASN A 246 5.71 21.50 -3.93
C ASN A 246 6.18 20.57 -2.82
N ILE A 247 5.27 20.16 -1.96
CA ILE A 247 5.56 19.15 -0.94
C ILE A 247 4.45 18.11 -1.03
N GLU A 248 4.78 16.87 -0.68
CA GLU A 248 3.65 15.95 -0.59
C GLU A 248 2.90 16.18 0.71
N GLY A 249 3.62 16.54 1.78
CA GLY A 249 3.04 16.63 3.09
C GLY A 249 3.90 15.98 4.19
N TYR A 250 3.25 15.31 5.15
CA TYR A 250 3.96 14.86 6.33
C TYR A 250 3.41 13.53 6.83
N VAL A 251 4.24 12.82 7.58
CA VAL A 251 3.78 11.69 8.38
C VAL A 251 3.89 12.11 9.83
N ALA A 252 2.77 12.14 10.54
CA ALA A 252 2.79 12.45 11.96
C ALA A 252 3.02 11.19 12.78
N VAL A 253 3.95 11.26 13.71
CA VAL A 253 4.25 10.14 14.60
C VAL A 253 3.65 10.42 15.97
N MET A 254 2.75 9.56 16.40
CA MET A 254 2.05 9.79 17.65
C MET A 254 2.94 9.41 18.84
N LYS A 255 2.63 9.99 20.00
CA LYS A 255 3.31 9.58 21.23
C LYS A 255 3.22 8.08 21.49
N ASP A 256 2.21 7.39 20.95
CA ASP A 256 2.15 5.93 21.07
C ASP A 256 2.83 5.19 19.92
N GLY A 257 3.48 5.91 19.00
CA GLY A 257 4.17 5.26 17.90
C GLY A 257 3.33 4.99 16.67
N SER A 258 2.05 5.34 16.67
CA SER A 258 1.25 5.22 15.45
C SER A 258 1.44 6.45 14.55
N HIS A 259 0.95 6.33 13.32
CA HIS A 259 1.22 7.43 12.35
C HIS A 259 -0.02 7.85 11.55
N PHE A 260 -0.11 9.16 11.27
CA PHE A 260 -1.21 9.66 10.39
C PHE A 260 -0.55 10.59 9.38
N LYS A 261 -1.13 10.65 8.17
CA LYS A 261 -0.51 11.45 7.10
C LYS A 261 -1.37 12.67 6.74
N ILE A 262 -0.72 13.77 6.39
CA ILE A 262 -1.35 15.02 5.95
C ILE A 262 -0.74 15.37 4.60
N LYS A 263 -1.52 15.25 3.53
CA LYS A 263 -1.06 15.62 2.20
C LYS A 263 -1.53 17.04 1.86
N SER A 264 -0.78 17.71 0.98
CA SER A 264 -1.17 19.03 0.55
C SER A 264 -2.31 18.92 -0.47
N ASP A 265 -3.22 19.90 -0.45
CA ASP A 265 -4.19 20.01 -1.52
C ASP A 265 -3.48 20.00 -2.86
N TRP A 266 -2.40 20.76 -2.95
CA TRP A 266 -1.60 20.79 -4.17
C TRP A 266 -1.27 19.38 -4.66
N TYR A 267 -0.70 18.54 -3.79
CA TYR A 267 -0.36 17.16 -4.18
C TYR A 267 -1.60 16.38 -4.60
N VAL A 268 -2.65 16.41 -3.78
CA VAL A 268 -3.83 15.59 -4.03
C VAL A 268 -4.47 15.98 -5.36
N SER A 269 -4.55 17.28 -5.64
CA SER A 269 -5.19 17.75 -6.86
C SER A 269 -4.41 17.34 -8.10
N LEU A 270 -3.11 17.10 -7.94
CA LEU A 270 -2.23 16.63 -8.99
C LEU A 270 -2.19 15.11 -9.08
N HIS A 271 -2.43 14.39 -7.96
CA HIS A 271 -2.40 12.94 -7.91
C HIS A 271 -3.75 12.31 -8.24
N SER A 272 -4.83 13.08 -8.20
CA SER A 272 -6.12 12.57 -8.64
C SER A 272 -6.31 12.89 -10.11
N THR A 273 -7.31 12.24 -10.71
CA THR A 273 -7.73 12.67 -12.03
C THR A 273 -8.36 14.06 -11.92
N LYS A 274 -8.32 14.81 -13.03
CA LYS A 274 -8.84 16.17 -13.02
C LYS A 274 -10.36 16.19 -12.92
N SER A 275 -10.89 17.20 -12.22
CA SER A 275 -12.33 17.44 -12.07
C SER A 275 -13.04 16.23 -11.45
N SER A 276 -12.43 15.65 -10.41
CA SER A 276 -12.90 14.36 -9.90
C SER A 276 -14.32 14.44 -9.36
N LEU A 277 -14.62 15.46 -8.55
CA LEU A 277 -15.94 15.57 -7.94
C LEU A 277 -17.02 15.98 -8.93
N ASP A 278 -16.65 16.45 -10.12
CA ASP A 278 -17.64 16.83 -11.12
C ASP A 278 -18.04 15.74 -12.13
N ASN A 279 -17.05 15.12 -12.74
CA ASN A 279 -17.28 14.10 -13.75
C ASN A 279 -17.33 12.80 -12.96
N PRO A 280 -18.44 12.06 -13.01
CA PRO A 280 -18.48 10.76 -12.30
C PRO A 280 -17.56 9.72 -12.91
N GLU A 281 -17.32 9.77 -14.21
CA GLU A 281 -16.30 8.90 -14.80
C GLU A 281 -14.91 9.27 -14.28
N LYS A 282 -14.72 10.52 -13.85
CA LYS A 282 -13.46 10.90 -13.24
C LYS A 282 -13.36 10.36 -11.81
N LEU A 283 -14.40 10.57 -11.01
CA LEU A 283 -14.41 10.07 -9.64
C LEU A 283 -14.10 8.58 -9.59
N PHE A 284 -14.79 7.79 -10.42
CA PHE A 284 -14.51 6.36 -10.46
C PHE A 284 -13.06 6.09 -10.88
N LYS A 285 -12.52 6.92 -11.77
CA LYS A 285 -11.11 6.79 -12.14
C LYS A 285 -10.22 6.97 -10.91
N THR A 286 -10.49 7.99 -10.12
CA THR A 286 -9.77 8.23 -8.87
C THR A 286 -9.78 7.01 -7.97
N ILE A 287 -10.89 6.27 -7.99
CA ILE A 287 -11.05 5.11 -7.11
C ILE A 287 -10.26 3.91 -7.63
N ILE A 288 -10.28 3.67 -8.94
CA ILE A 288 -9.61 2.49 -9.49
C ILE A 288 -8.10 2.64 -9.46
N ASP A 289 -7.62 3.85 -9.22
CA ASP A 289 -6.20 4.10 -9.03
C ASP A 289 -5.82 4.17 -7.55
N GLY A 290 -6.77 3.97 -6.64
CA GLY A 290 -6.46 4.00 -5.23
C GLY A 290 -6.14 5.38 -4.71
N ALA A 291 -6.54 6.42 -5.43
CA ALA A 291 -6.25 7.78 -5.03
C ALA A 291 -7.39 8.42 -4.27
N SER A 292 -8.52 7.73 -4.10
CA SER A 292 -9.67 8.40 -3.46
C SER A 292 -9.55 8.45 -1.93
N ASP A 293 -8.53 7.84 -1.34
CA ASP A 293 -8.25 8.06 0.08
C ASP A 293 -7.69 9.48 0.32
N ASP A 294 -6.79 9.94 -0.55
CA ASP A 294 -6.30 11.31 -0.43
C ASP A 294 -7.41 12.31 -0.72
N LEU A 295 -8.23 12.02 -1.74
CA LEU A 295 -9.32 12.92 -2.12
C LEU A 295 -10.34 13.06 -0.99
N LYS A 296 -10.75 11.93 -0.42
CA LYS A 296 -11.71 11.93 0.68
C LYS A 296 -11.22 12.79 1.84
N ALA A 297 -9.95 12.66 2.20
CA ALA A 297 -9.40 13.47 3.27
C ALA A 297 -9.22 14.93 2.84
N MET A 298 -9.14 15.20 1.53
CA MET A 298 -9.09 16.58 1.06
C MET A 298 -10.43 17.30 1.26
N TYR A 299 -11.55 16.59 1.14
CA TYR A 299 -12.87 17.19 1.28
C TYR A 299 -13.50 16.86 2.62
N ALA A 300 -12.68 16.58 3.64
CA ALA A 300 -13.22 16.16 4.92
C ALA A 300 -13.97 17.28 5.63
N ASP A 301 -13.79 18.51 5.21
CA ASP A 301 -14.54 19.61 5.78
C ASP A 301 -15.90 19.79 5.11
N ASP A 302 -16.18 19.02 4.05
CA ASP A 302 -17.40 19.14 3.26
C ASP A 302 -18.22 17.85 3.40
N GLU A 303 -19.15 17.82 4.37
CA GLU A 303 -19.89 16.60 4.68
C GLU A 303 -20.48 15.99 3.42
N TYR A 304 -20.99 16.82 2.52
CA TYR A 304 -21.60 16.29 1.30
C TYR A 304 -20.55 15.65 0.39
N SER A 305 -19.46 16.35 0.11
CA SER A 305 -18.47 15.76 -0.78
C SER A 305 -17.70 14.64 -0.11
N TYR A 306 -17.54 14.70 1.21
CA TYR A 306 -16.92 13.59 1.92
C TYR A 306 -17.77 12.32 1.78
N ARG A 307 -19.04 12.42 2.17
CA ARG A 307 -19.88 11.23 2.17
C ARG A 307 -20.28 10.81 0.75
N LYS A 308 -20.16 11.70 -0.23
CA LYS A 308 -20.37 11.29 -1.62
C LYS A 308 -19.26 10.38 -2.11
N ILE A 309 -17.99 10.70 -1.78
CA ILE A 309 -16.87 9.86 -2.21
C ILE A 309 -16.99 8.47 -1.60
N GLU A 310 -17.45 8.38 -0.35
CA GLU A 310 -17.67 7.07 0.26
C GLU A 310 -18.70 6.27 -0.52
N ALA A 311 -19.80 6.91 -0.93
CA ALA A 311 -20.80 6.27 -1.76
C ALA A 311 -20.14 5.57 -2.94
N PHE A 312 -19.56 6.36 -3.84
CA PHE A 312 -18.91 5.81 -5.03
C PHE A 312 -17.82 4.82 -4.67
N GLU A 313 -17.19 5.00 -3.51
CA GLU A 313 -16.24 4.01 -3.03
C GLU A 313 -16.93 2.66 -2.80
N THR A 314 -17.93 2.64 -1.91
CA THR A 314 -18.65 1.40 -1.63
C THR A 314 -19.18 0.76 -2.91
N THR A 315 -19.74 1.58 -3.81
CA THR A 315 -20.27 1.06 -5.06
C THR A 315 -19.24 0.21 -5.79
N TYR A 316 -18.02 0.73 -5.94
CA TYR A 316 -17.02 0.03 -6.74
C TYR A 316 -16.49 -1.19 -6.01
N LEU A 317 -16.44 -1.15 -4.67
CA LEU A 317 -15.99 -2.30 -3.90
C LEU A 317 -17.07 -3.38 -3.85
N LYS A 318 -18.33 -2.97 -3.67
CA LYS A 318 -19.44 -3.90 -3.75
C LYS A 318 -19.40 -4.65 -5.08
N TYR A 319 -19.29 -3.89 -6.18
CA TYR A 319 -19.11 -4.47 -7.51
C TYR A 319 -17.97 -5.46 -7.51
N LEU A 320 -16.75 -4.94 -7.24
CA LEU A 320 -15.53 -5.79 -7.30
C LEU A 320 -15.84 -7.11 -6.60
N ASP A 321 -16.32 -7.02 -5.37
CA ASP A 321 -16.66 -8.21 -4.62
C ASP A 321 -17.43 -9.17 -5.50
N ARG A 322 -18.66 -8.77 -5.85
CA ARG A 322 -19.53 -9.59 -6.68
C ARG A 322 -18.80 -10.06 -7.93
N ALA A 323 -18.22 -9.11 -8.66
CA ALA A 323 -17.58 -9.43 -9.94
C ALA A 323 -16.49 -10.49 -9.75
N LEU A 324 -15.55 -10.22 -8.84
CA LEU A 324 -14.42 -11.11 -8.70
C LEU A 324 -14.85 -12.51 -8.26
N PHE A 325 -15.83 -12.59 -7.36
CA PHE A 325 -16.42 -13.89 -7.02
C PHE A 325 -16.87 -14.69 -8.22
N LEU A 326 -17.73 -14.07 -9.03
CA LEU A 326 -18.38 -14.77 -10.10
C LEU A 326 -17.32 -15.16 -11.13
N VAL A 327 -16.40 -14.25 -11.43
CA VAL A 327 -15.45 -14.51 -12.51
C VAL A 327 -14.55 -15.69 -12.17
N LEU A 328 -13.99 -15.68 -10.95
CA LEU A 328 -12.99 -16.68 -10.57
C LEU A 328 -13.63 -18.00 -10.16
N ASP A 329 -14.75 -17.93 -9.43
CA ASP A 329 -15.47 -19.15 -9.05
C ASP A 329 -15.87 -19.97 -10.27
N CYS A 330 -16.59 -19.34 -11.20
CA CYS A 330 -16.93 -20.00 -12.46
C CYS A 330 -15.69 -20.60 -13.13
N HIS A 331 -14.65 -19.78 -13.33
CA HIS A 331 -13.42 -20.23 -13.98
C HIS A 331 -12.63 -21.23 -13.15
N ASN A 332 -12.98 -21.42 -11.88
CA ASN A 332 -12.43 -22.56 -11.15
C ASN A 332 -12.96 -23.87 -11.75
N LYS A 333 -14.27 -23.95 -12.00
CA LYS A 333 -14.93 -25.14 -12.55
C LYS A 333 -14.85 -25.18 -14.08
N ARG A 339 -13.59 -27.20 -23.32
CA ARG A 339 -14.94 -27.63 -23.02
C ARG A 339 -15.92 -26.50 -23.33
N LYS A 340 -16.76 -26.70 -24.35
CA LYS A 340 -17.84 -25.75 -24.60
C LYS A 340 -18.83 -25.70 -23.44
N THR A 341 -18.74 -26.67 -22.52
CA THR A 341 -19.54 -26.63 -21.30
C THR A 341 -19.33 -25.32 -20.56
N TYR A 342 -18.06 -25.03 -20.21
CA TYR A 342 -17.77 -23.79 -19.49
C TYR A 342 -18.23 -22.57 -20.30
N ALA A 343 -18.03 -22.60 -21.61
CA ALA A 343 -18.48 -21.50 -22.46
C ALA A 343 -19.94 -21.17 -22.20
N MET A 344 -20.83 -22.13 -22.43
CA MET A 344 -22.25 -21.92 -22.13
C MET A 344 -22.48 -21.69 -20.65
N GLU A 345 -21.66 -22.30 -19.78
CA GLU A 345 -21.82 -22.13 -18.34
C GLU A 345 -21.37 -20.75 -17.88
N ALA A 346 -20.37 -20.18 -18.55
CA ALA A 346 -19.92 -18.83 -18.20
C ALA A 346 -20.94 -17.77 -18.62
N GLN A 347 -21.81 -18.10 -19.58
CA GLN A 347 -22.87 -17.19 -19.98
C GLN A 347 -23.97 -17.11 -18.92
N GLY A 348 -24.23 -18.22 -18.24
CA GLY A 348 -25.21 -18.22 -17.18
C GLY A 348 -24.80 -17.38 -15.99
N VAL A 349 -23.50 -17.29 -15.72
CA VAL A 349 -23.03 -16.43 -14.65
C VAL A 349 -23.13 -14.96 -15.07
N ALA A 350 -22.62 -14.64 -16.25
CA ALA A 350 -22.59 -13.27 -16.71
C ALA A 350 -24.00 -12.71 -16.85
N LYS A 351 -24.82 -13.32 -17.70
CA LYS A 351 -26.19 -12.84 -17.88
C LYS A 351 -27.01 -13.04 -16.61
N GLY A 352 -26.74 -14.08 -15.84
CA GLY A 352 -27.48 -14.29 -14.61
C GLY A 352 -27.25 -13.21 -13.55
N ALA A 353 -26.21 -12.39 -13.71
CA ALA A 353 -25.88 -11.32 -12.79
C ALA A 353 -25.93 -9.95 -13.46
N GLY A 354 -26.65 -9.83 -14.57
CA GLY A 354 -26.82 -8.58 -15.25
C GLY A 354 -25.62 -8.07 -16.01
N MET A 355 -24.44 -8.62 -15.78
CA MET A 355 -23.22 -8.08 -16.38
C MET A 355 -22.69 -9.08 -17.40
N ASP A 356 -23.17 -8.97 -18.63
CA ASP A 356 -22.63 -9.80 -19.70
C ASP A 356 -21.23 -9.38 -20.11
N HIS A 357 -20.71 -8.28 -19.54
CA HIS A 357 -19.30 -7.93 -19.72
C HIS A 357 -18.36 -8.99 -19.17
N LEU A 358 -18.78 -9.72 -18.13
CA LEU A 358 -17.92 -10.67 -17.42
C LEU A 358 -18.16 -12.02 -18.13
N PHE A 359 -17.90 -12.10 -19.44
CA PHE A 359 -18.01 -13.37 -20.15
C PHE A 359 -16.66 -13.58 -20.83
N GLY A 360 -16.17 -12.58 -21.56
CA GLY A 360 -14.79 -12.64 -22.05
C GLY A 360 -13.80 -12.71 -20.92
N ILE A 361 -14.14 -12.10 -19.77
CA ILE A 361 -13.34 -12.27 -18.57
C ILE A 361 -13.24 -13.74 -18.20
N ILE A 362 -14.37 -14.47 -18.20
CA ILE A 362 -14.28 -15.87 -17.83
C ILE A 362 -13.60 -16.68 -18.93
N MET A 363 -13.47 -16.11 -20.14
CA MET A 363 -12.65 -16.74 -21.16
C MET A 363 -11.18 -16.75 -20.80
N SER A 364 -10.77 -15.97 -19.80
CA SER A 364 -9.35 -15.85 -19.47
C SER A 364 -8.78 -17.19 -19.01
N LEU A 365 -9.39 -17.81 -18.00
CA LEU A 365 -8.86 -19.03 -17.41
C LEU A 365 -8.66 -20.15 -18.44
N TYR A 366 -9.34 -20.07 -19.58
CA TYR A 366 -9.00 -20.96 -20.69
C TYR A 366 -7.78 -20.45 -21.47
N GLN A 367 -7.57 -19.14 -21.50
CA GLN A 367 -6.40 -18.55 -22.18
C GLN A 367 -5.17 -18.32 -21.30
N GLY A 368 -5.30 -17.49 -20.26
CA GLY A 368 -4.19 -17.20 -19.37
C GLY A 368 -4.38 -16.10 -18.35
N TYR A 369 -3.97 -16.33 -17.11
CA TYR A 369 -4.18 -15.36 -16.03
C TYR A 369 -3.36 -14.11 -16.19
N GLU A 373 -4.47 -10.20 -11.75
CA GLU A 373 -3.33 -9.78 -12.57
C GLU A 373 -3.84 -9.25 -13.90
N LYS A 374 -3.36 -9.85 -15.01
CA LYS A 374 -3.81 -9.45 -16.32
C LYS A 374 -5.33 -9.30 -16.32
N VAL A 375 -6.02 -10.21 -15.62
CA VAL A 375 -7.45 -10.14 -15.33
C VAL A 375 -8.05 -8.90 -14.70
N MET A 376 -7.46 -8.46 -13.58
CA MET A 376 -7.98 -7.35 -12.77
C MET A 376 -7.87 -6.08 -13.61
N CYS A 377 -6.86 -6.03 -14.50
CA CYS A 377 -6.77 -4.97 -15.49
C CYS A 377 -8.03 -4.86 -16.34
N GLU A 378 -8.60 -6.01 -16.73
CA GLU A 378 -9.75 -6.00 -17.63
C GLU A 378 -11.04 -5.67 -16.88
N ILE A 379 -11.21 -6.14 -15.64
CA ILE A 379 -12.46 -5.82 -14.93
C ILE A 379 -12.60 -4.32 -14.71
N GLU A 380 -11.47 -3.60 -14.57
CA GLU A 380 -11.54 -2.17 -14.33
C GLU A 380 -12.05 -1.45 -15.56
N GLN A 381 -11.34 -1.60 -16.70
CA GLN A 381 -11.75 -0.89 -17.92
C GLN A 381 -13.22 -1.18 -18.25
N ASN A 382 -13.66 -2.42 -18.05
CA ASN A 382 -15.06 -2.76 -18.32
C ASN A 382 -16.01 -2.06 -17.37
N PHE A 383 -15.56 -1.74 -16.16
CA PHE A 383 -16.40 -0.97 -15.26
C PHE A 383 -16.60 0.46 -15.75
N LEU A 384 -15.52 1.11 -16.22
CA LEU A 384 -15.60 2.52 -16.60
C LEU A 384 -16.53 2.74 -17.79
N LYS A 385 -16.65 1.75 -18.68
CA LYS A 385 -17.59 1.87 -19.79
C LYS A 385 -19.07 1.73 -19.48
N ASN A 386 -19.43 0.81 -18.58
CA ASN A 386 -20.82 0.64 -18.14
C ASN A 386 -20.97 1.52 -16.94
N TYR A 387 -19.95 2.31 -16.60
CA TYR A 387 -19.97 3.07 -15.35
C TYR A 387 -21.29 3.78 -15.10
N LYS A 388 -21.95 4.26 -16.16
CA LYS A 388 -23.18 5.01 -15.94
C LYS A 388 -24.22 4.22 -15.15
N LYS A 389 -24.16 2.89 -15.21
CA LYS A 389 -25.15 2.07 -14.51
C LYS A 389 -24.92 2.08 -13.00
N PHE A 390 -23.67 2.04 -12.56
CA PHE A 390 -23.36 1.87 -11.15
C PHE A 390 -23.34 3.17 -10.36
N ILE A 391 -23.46 4.32 -11.02
CA ILE A 391 -23.43 5.60 -10.32
C ILE A 391 -24.46 5.57 -9.19
N PRO A 392 -24.03 5.79 -7.95
CA PRO A 392 -24.95 5.68 -6.81
C PRO A 392 -26.24 6.43 -7.05
N GLU A 393 -27.31 5.89 -6.46
CA GLU A 393 -28.67 6.41 -6.67
C GLU A 393 -28.85 7.71 -5.88
N GLY A 394 -29.14 8.79 -6.60
CA GLY A 394 -29.18 10.11 -6.01
C GLY A 394 -27.95 10.96 -6.29
N TYR A 395 -27.05 10.49 -7.15
CA TYR A 395 -25.83 11.22 -7.50
C TYR A 395 -25.70 11.31 -9.01
#